data_7PYA
#
_entry.id   7PYA
#
_cell.length_a   50.189
_cell.length_b   68.919
_cell.length_c   118.233
_cell.angle_alpha   90.000
_cell.angle_beta   90.000
_cell.angle_gamma   90.000
#
_symmetry.space_group_name_H-M   'I 2 2 2'
#
loop_
_entity.id
_entity.type
_entity.pdbx_description
1 polymer 'Cholinephosphate cytidylyltransferase'
2 non-polymer azetidin-3-ol
3 water water
#
_entity_poly.entity_id   1
_entity_poly.type   'polypeptide(L)'
_entity_poly.pdbx_seq_one_letter_code
;GHMAVPDDDDDDDNSNDESEYESSQMDSEKNKGSIKNSKNVVIYADGVYDMLHLGHMKQLEQAKKLFENTTLIVGVTSDN
ETKLFKGQVVQTLEERTETLKHIRWVDEIISPCPWVVTPEFLEKYKIDYVAHDDIPYANNQKEDIYAWLKRAGKFKATQR
TEGVSTTDLIVRILKNYEDY
;
_entity_poly.pdbx_strand_id   A
#
# COMPACT_ATOMS: atom_id res chain seq x y z
N SER A 38 -4.44 -17.58 -18.98
CA SER A 38 -3.64 -16.36 -19.00
C SER A 38 -2.60 -16.33 -17.86
N LYS A 39 -1.42 -15.76 -18.14
CA LYS A 39 -0.27 -15.86 -17.25
C LYS A 39 -0.43 -14.92 -16.05
N ASN A 40 -0.15 -15.44 -14.85
CA ASN A 40 -0.32 -14.68 -13.63
C ASN A 40 0.85 -13.73 -13.38
N VAL A 41 0.53 -12.54 -12.86
CA VAL A 41 1.49 -11.46 -12.68
C VAL A 41 1.51 -11.09 -11.20
N VAL A 42 2.71 -10.97 -10.64
CA VAL A 42 2.83 -10.67 -9.21
C VAL A 42 3.01 -9.16 -9.05
N ILE A 43 2.12 -8.53 -8.29
CA ILE A 43 2.11 -7.10 -8.05
C ILE A 43 2.39 -6.83 -6.58
N TYR A 44 3.22 -5.84 -6.32
CA TYR A 44 3.60 -5.50 -4.96
C TYR A 44 3.26 -4.05 -4.73
N ALA A 45 2.47 -3.78 -3.70
CA ALA A 45 2.26 -2.45 -3.18
C ALA A 45 2.67 -2.41 -1.71
N ASP A 46 3.30 -1.34 -1.31
CA ASP A 46 3.65 -1.18 0.08
C ASP A 46 3.16 0.16 0.59
N GLY A 47 3.08 0.27 1.90
CA GLY A 47 2.72 1.54 2.49
C GLY A 47 2.44 1.33 3.96
N VAL A 48 1.93 2.41 4.56
CA VAL A 48 1.64 2.39 5.99
C VAL A 48 0.28 1.79 6.25
N TYR A 49 -0.70 2.16 5.43
CA TYR A 49 -2.09 1.70 5.63
C TYR A 49 -2.57 1.97 7.05
N ASP A 50 -2.20 3.14 7.59
CA ASP A 50 -2.77 3.59 8.85
C ASP A 50 -4.24 3.99 8.65
N MET A 51 -5.11 3.58 9.60
CA MET A 51 -6.54 3.89 9.56
C MET A 51 -7.08 3.77 8.15
N LEU A 52 -7.14 2.54 7.64
CA LEU A 52 -7.49 2.29 6.25
C LEU A 52 -8.80 2.93 5.87
N HIS A 53 -8.80 3.71 4.79
CA HIS A 53 -10.03 4.34 4.31
C HIS A 53 -10.25 4.01 2.84
N LEU A 54 -11.35 4.57 2.30
CA LEU A 54 -11.76 4.29 0.93
C LEU A 54 -10.68 4.63 -0.07
N GLY A 55 -9.82 5.59 0.27
CA GLY A 55 -8.74 5.96 -0.62
C GLY A 55 -7.68 4.88 -0.76
N HIS A 56 -7.33 4.22 0.35
CA HIS A 56 -6.42 3.08 0.29
C HIS A 56 -7.05 1.95 -0.49
N MET A 57 -8.30 1.60 -0.17
CA MET A 57 -8.88 0.43 -0.83
C MET A 57 -9.05 0.68 -2.33
N LYS A 58 -9.36 1.90 -2.74
CA LYS A 58 -9.36 2.18 -4.18
C LYS A 58 -7.97 2.00 -4.79
N GLN A 59 -6.91 2.38 -4.05
CA GLN A 59 -5.53 2.15 -4.51
C GLN A 59 -5.25 0.67 -4.69
N LEU A 60 -5.56 -0.12 -3.67
CA LEU A 60 -5.34 -1.56 -3.73
C LEU A 60 -6.08 -2.18 -4.90
N GLU A 61 -7.37 -1.87 -5.04
CA GLU A 61 -8.15 -2.39 -6.16
C GLU A 61 -7.49 -2.07 -7.48
N GLN A 62 -7.03 -0.83 -7.63
CA GLN A 62 -6.35 -0.43 -8.86
C GLN A 62 -5.12 -1.29 -9.13
N ALA A 63 -4.27 -1.45 -8.12
CA ALA A 63 -3.12 -2.31 -8.26
C ALA A 63 -3.53 -3.73 -8.62
N LYS A 64 -4.56 -4.26 -7.95
CA LYS A 64 -4.96 -5.63 -8.20
C LYS A 64 -5.43 -5.83 -9.64
N LYS A 65 -6.05 -4.81 -10.25
CA LYS A 65 -6.60 -4.93 -11.59
C LYS A 65 -5.70 -4.33 -12.66
N LEU A 66 -4.42 -4.17 -12.36
CA LEU A 66 -3.48 -3.80 -13.41
C LEU A 66 -3.49 -4.84 -14.54
N PHE A 67 -3.64 -6.12 -14.22
CA PHE A 67 -3.66 -7.16 -15.23
C PHE A 67 -4.81 -8.13 -14.98
N GLU A 68 -5.00 -9.05 -15.93
CA GLU A 68 -6.11 -9.97 -15.85
C GLU A 68 -5.94 -10.95 -14.70
N ASN A 69 -4.78 -11.57 -14.62
CA ASN A 69 -4.48 -12.53 -13.55
C ASN A 69 -3.32 -11.97 -12.74
N THR A 70 -3.61 -11.45 -11.56
CA THR A 70 -2.61 -10.89 -10.68
C THR A 70 -2.63 -11.61 -9.34
N THR A 71 -1.48 -11.57 -8.67
CA THR A 71 -1.39 -11.80 -7.24
C THR A 71 -0.95 -10.48 -6.63
N LEU A 72 -1.83 -9.84 -5.86
CA LEU A 72 -1.47 -8.60 -5.18
C LEU A 72 -0.84 -8.95 -3.84
N ILE A 73 0.43 -8.56 -3.67
CA ILE A 73 1.15 -8.68 -2.42
C ILE A 73 1.24 -7.29 -1.84
N VAL A 74 0.88 -7.15 -0.56
CA VAL A 74 0.90 -5.85 0.07
C VAL A 74 1.94 -5.88 1.18
N GLY A 75 2.77 -4.85 1.24
CA GLY A 75 3.77 -4.72 2.28
C GLY A 75 3.33 -3.61 3.27
N VAL A 76 3.47 -3.94 4.54
CA VAL A 76 3.01 -3.06 5.62
C VAL A 76 4.23 -2.62 6.41
N THR A 77 4.50 -1.31 6.37
CA THR A 77 5.73 -0.79 6.97
C THR A 77 5.67 -0.90 8.48
N SER A 78 6.86 -1.10 9.09
CA SER A 78 6.99 -1.34 10.51
C SER A 78 6.74 -0.07 11.30
N ASP A 79 6.39 -0.24 12.58
CA ASP A 79 6.04 0.92 13.39
C ASP A 79 7.22 1.88 13.53
N ASN A 80 8.42 1.35 13.82
CA ASN A 80 9.54 2.23 14.10
C ASN A 80 10.06 2.91 12.84
N GLU A 81 10.05 2.21 11.71
CA GLU A 81 10.53 2.85 10.49
C GLU A 81 9.56 3.93 10.03
N THR A 82 8.26 3.66 10.09
CA THR A 82 7.28 4.71 9.81
C THR A 82 7.47 5.91 10.74
N LYS A 83 7.57 5.66 12.06
CA LYS A 83 7.87 6.72 13.02
C LYS A 83 9.05 7.56 12.56
N LEU A 84 10.17 6.90 12.30
CA LEU A 84 11.43 7.60 12.03
C LEU A 84 11.35 8.39 10.73
N PHE A 85 11.01 7.73 9.63
CA PHE A 85 11.12 8.28 8.29
C PHE A 85 9.90 9.06 7.81
N LYS A 86 8.72 8.88 8.42
CA LYS A 86 7.50 9.46 7.89
C LYS A 86 6.80 10.36 8.94
N GLY A 87 6.30 9.77 10.02
CA GLY A 87 5.60 10.55 11.02
C GLY A 87 4.85 9.64 11.98
N GLN A 88 3.93 10.22 12.72
CA GLN A 88 3.14 9.43 13.66
C GLN A 88 2.23 8.47 12.89
N VAL A 89 2.12 7.25 13.41
CA VAL A 89 1.11 6.29 12.97
C VAL A 89 0.32 5.87 14.20
N VAL A 90 -1.01 5.93 14.11
CA VAL A 90 -1.83 5.71 15.30
C VAL A 90 -2.01 4.22 15.57
N GLN A 91 -2.07 3.40 14.54
CA GLN A 91 -2.31 1.98 14.70
C GLN A 91 -1.01 1.19 14.65
N THR A 92 -0.96 0.16 15.48
CA THR A 92 0.18 -0.75 15.56
C THR A 92 0.31 -1.56 14.26
N LEU A 93 1.48 -2.19 14.10
CA LEU A 93 1.66 -3.04 12.92
C LEU A 93 0.61 -4.14 12.89
N GLU A 94 0.33 -4.75 14.04
CA GLU A 94 -0.65 -5.82 14.10
C GLU A 94 -2.03 -5.32 13.69
N GLU A 95 -2.42 -4.15 14.20
CA GLU A 95 -3.72 -3.57 13.85
C GLU A 95 -3.83 -3.25 12.37
N ARG A 96 -2.80 -2.62 11.80
CA ARG A 96 -2.87 -2.24 10.39
C ARG A 96 -2.86 -3.45 9.47
N THR A 97 -2.22 -4.55 9.90
CA THR A 97 -2.16 -5.76 9.09
C THR A 97 -3.46 -6.56 9.20
N GLU A 98 -4.02 -6.64 10.41
CA GLU A 98 -5.26 -7.39 10.59
C GLU A 98 -6.41 -6.73 9.83
N THR A 99 -6.36 -5.43 9.64
CA THR A 99 -7.37 -4.76 8.84
C THR A 99 -7.23 -5.09 7.36
N LEU A 100 -6.01 -4.98 6.81
CA LEU A 100 -5.74 -5.30 5.41
C LEU A 100 -6.17 -6.71 5.04
N LYS A 101 -6.04 -7.64 5.99
CA LYS A 101 -6.51 -8.99 5.73
C LYS A 101 -7.99 -9.04 5.31
N HIS A 102 -8.79 -8.03 5.66
CA HIS A 102 -10.21 -8.08 5.32
C HIS A 102 -10.54 -7.45 3.97
N ILE A 103 -9.57 -6.83 3.30
CA ILE A 103 -9.77 -6.16 2.02
C ILE A 103 -9.64 -7.18 0.92
N ARG A 104 -10.62 -7.19 0.00
CA ARG A 104 -10.70 -8.19 -1.09
C ARG A 104 -9.49 -8.20 -2.03
N TRP A 105 -8.96 -7.03 -2.41
CA TRP A 105 -7.94 -7.06 -3.44
C TRP A 105 -6.65 -7.71 -2.96
N VAL A 106 -6.51 -7.97 -1.66
CA VAL A 106 -5.24 -8.34 -1.08
C VAL A 106 -5.09 -9.85 -1.08
N ASP A 107 -4.09 -10.36 -1.79
CA ASP A 107 -3.84 -11.79 -1.82
C ASP A 107 -2.78 -12.23 -0.82
N GLU A 108 -1.75 -11.42 -0.58
CA GLU A 108 -0.68 -11.77 0.35
C GLU A 108 -0.19 -10.53 1.06
N ILE A 109 0.21 -10.69 2.32
CA ILE A 109 0.70 -9.56 3.09
C ILE A 109 2.10 -9.89 3.59
N ILE A 110 3.04 -8.95 3.42
CA ILE A 110 4.36 -9.02 4.03
C ILE A 110 4.39 -7.99 5.14
N SER A 111 4.54 -8.46 6.36
CA SER A 111 4.32 -7.62 7.54
C SER A 111 5.32 -7.99 8.63
N PRO A 112 6.30 -7.13 8.98
CA PRO A 112 6.53 -5.83 8.36
C PRO A 112 7.25 -6.01 7.01
N CYS A 113 7.17 -5.04 6.10
CA CYS A 113 7.94 -5.10 4.88
C CYS A 113 9.18 -4.21 4.99
N PRO A 114 10.20 -4.42 4.17
CA PRO A 114 11.34 -3.50 4.22
C PRO A 114 10.89 -2.12 3.80
N TRP A 115 11.52 -1.10 4.38
CA TRP A 115 11.17 0.27 4.07
C TRP A 115 11.48 0.63 2.61
N VAL A 116 12.69 0.29 2.15
CA VAL A 116 13.08 0.51 0.76
C VAL A 116 13.00 -0.81 -0.01
N VAL A 117 12.43 -0.74 -1.21
CA VAL A 117 12.41 -1.87 -2.14
C VAL A 117 13.77 -2.01 -2.80
N THR A 118 14.33 -3.23 -2.74
CA THR A 118 15.59 -3.59 -3.35
C THR A 118 15.40 -4.53 -4.53
N PRO A 119 16.36 -4.60 -5.46
CA PRO A 119 16.26 -5.59 -6.54
C PRO A 119 16.19 -7.01 -6.05
N GLU A 120 16.95 -7.36 -5.00
CA GLU A 120 16.88 -8.70 -4.46
C GLU A 120 15.53 -9.00 -3.83
N PHE A 121 14.87 -8.00 -3.24
CA PHE A 121 13.51 -8.21 -2.74
C PHE A 121 12.58 -8.67 -3.85
N LEU A 122 12.70 -8.09 -5.05
CA LEU A 122 11.81 -8.46 -6.14
C LEU A 122 12.05 -9.90 -6.58
N GLU A 123 13.32 -10.31 -6.64
CA GLU A 123 13.64 -11.67 -7.04
C GLU A 123 13.16 -12.67 -5.99
N LYS A 124 13.31 -12.33 -4.71
CA LYS A 124 12.96 -13.26 -3.65
C LYS A 124 11.47 -13.58 -3.67
N TYR A 125 10.62 -12.61 -3.99
CA TYR A 125 9.17 -12.85 -3.99
C TYR A 125 8.59 -12.99 -5.40
N LYS A 126 9.44 -13.06 -6.43
CA LYS A 126 9.00 -13.21 -7.82
C LYS A 126 8.02 -12.10 -8.20
N ILE A 127 8.40 -10.86 -7.88
CA ILE A 127 7.54 -9.69 -8.08
C ILE A 127 7.75 -9.16 -9.50
N ASP A 128 6.66 -9.00 -10.25
CA ASP A 128 6.77 -8.51 -11.61
C ASP A 128 6.62 -6.99 -11.72
N TYR A 129 5.83 -6.37 -10.85
CA TYR A 129 5.62 -4.93 -10.89
C TYR A 129 5.39 -4.42 -9.46
N VAL A 130 5.79 -3.18 -9.25
CA VAL A 130 5.63 -2.47 -7.99
C VAL A 130 4.63 -1.37 -8.26
N ALA A 131 3.51 -1.38 -7.54
CA ALA A 131 2.44 -0.40 -7.70
C ALA A 131 2.60 0.70 -6.64
N HIS A 132 2.61 1.94 -7.10
CA HIS A 132 2.80 3.10 -6.23
C HIS A 132 2.23 4.32 -6.93
N ASP A 133 2.15 5.43 -6.22
CA ASP A 133 1.52 6.62 -6.80
C ASP A 133 2.51 7.58 -7.46
N ASP A 144 14.51 11.14 -8.67
CA ASP A 144 13.39 10.25 -8.37
C ASP A 144 13.86 9.06 -7.55
N ILE A 145 13.00 8.57 -6.66
CA ILE A 145 13.36 7.46 -5.78
C ILE A 145 13.07 6.11 -6.44
N TYR A 146 11.87 5.93 -7.00
CA TYR A 146 11.51 4.71 -7.70
C TYR A 146 12.08 4.65 -9.14
N ALA A 147 13.08 5.49 -9.45
CA ALA A 147 13.61 5.64 -10.82
C ALA A 147 14.11 4.32 -11.39
N TRP A 148 14.74 3.49 -10.57
CA TRP A 148 15.28 2.24 -11.09
C TRP A 148 14.19 1.25 -11.41
N LEU A 149 13.03 1.37 -10.75
CA LEU A 149 11.90 0.49 -11.08
C LEU A 149 11.35 0.82 -12.47
N LYS A 150 11.22 2.11 -12.78
CA LYS A 150 10.76 2.51 -14.10
C LYS A 150 11.72 2.00 -15.15
N ARG A 151 13.01 2.08 -14.84
CA ARG A 151 14.06 1.72 -15.83
C ARG A 151 13.97 0.24 -16.18
N ALA A 152 13.62 -0.58 -15.20
CA ALA A 152 13.49 -2.01 -15.44
C ALA A 152 12.11 -2.39 -15.97
N GLY A 153 11.23 -1.42 -16.13
CA GLY A 153 9.88 -1.70 -16.60
C GLY A 153 9.01 -2.30 -15.53
N LYS A 154 9.30 -2.00 -14.27
CA LYS A 154 8.65 -2.69 -13.16
C LYS A 154 7.82 -1.73 -12.31
N PHE A 155 7.57 -0.53 -12.81
CA PHE A 155 6.81 0.47 -12.08
C PHE A 155 5.44 0.65 -12.73
N LYS A 156 4.39 0.50 -11.93
CA LYS A 156 3.04 0.84 -12.35
C LYS A 156 2.50 1.90 -11.40
N ALA A 157 2.08 3.03 -11.96
CA ALA A 157 1.50 4.10 -11.16
C ALA A 157 0.03 3.82 -10.86
N THR A 158 -0.39 4.16 -9.64
CA THR A 158 -1.79 4.16 -9.23
C THR A 158 -2.10 5.46 -8.50
N GLN A 159 -3.39 5.81 -8.43
CA GLN A 159 -3.80 7.13 -7.98
C GLN A 159 -4.20 7.13 -6.51
N ARG A 160 -4.01 8.27 -5.84
CA ARG A 160 -4.66 8.50 -4.55
C ARG A 160 -6.09 9.01 -4.78
N THR A 161 -6.86 9.05 -3.69
CA THR A 161 -8.20 9.62 -3.68
C THR A 161 -8.34 10.52 -2.47
N GLU A 162 -8.51 11.81 -2.69
CA GLU A 162 -8.51 12.75 -1.58
C GLU A 162 -9.88 12.79 -0.90
N GLY A 163 -9.95 13.58 0.19
CA GLY A 163 -11.19 13.84 0.89
C GLY A 163 -11.75 12.69 1.71
N VAL A 164 -11.51 11.44 1.27
CA VAL A 164 -12.17 10.28 1.87
C VAL A 164 -11.52 9.82 3.16
N SER A 165 -10.54 10.56 3.68
CA SER A 165 -9.67 10.04 4.72
C SER A 165 -10.34 10.05 6.09
N THR A 166 -9.76 9.26 6.99
CA THR A 166 -10.27 9.12 8.35
C THR A 166 -10.26 10.45 9.09
N THR A 167 -9.14 11.18 9.01
CA THR A 167 -9.09 12.48 9.68
C THR A 167 -10.17 13.41 9.15
N ASP A 168 -10.46 13.34 7.85
CA ASP A 168 -11.50 14.19 7.27
C ASP A 168 -12.88 13.87 7.82
N LEU A 169 -13.10 12.63 8.23
CA LEU A 169 -14.41 12.25 8.76
C LEU A 169 -14.68 12.87 10.11
N ILE A 170 -13.66 13.04 10.94
CA ILE A 170 -13.84 13.70 12.22
C ILE A 170 -14.13 15.17 12.02
N VAL A 171 -13.43 15.82 11.08
CA VAL A 171 -13.74 17.21 10.74
C VAL A 171 -15.20 17.36 10.37
N ARG A 172 -15.79 16.31 9.80
CA ARG A 172 -17.19 16.33 9.41
C ARG A 172 -18.11 16.19 10.63
N ILE A 173 -17.73 15.37 11.60
CA ILE A 173 -18.45 15.32 12.87
C ILE A 173 -18.34 16.66 13.59
N LEU A 174 -17.16 17.28 13.53
CA LEU A 174 -16.94 18.50 14.30
C LEU A 174 -17.75 19.66 13.73
N LYS A 175 -17.94 19.71 12.41
CA LYS A 175 -18.81 20.72 11.82
C LYS A 175 -20.28 20.38 12.03
N ASN A 176 -20.59 19.89 13.23
CA ASN A 176 -21.93 19.95 13.82
C ASN A 176 -22.00 21.09 14.85
N TYR A 177 -20.97 21.94 14.89
CA TYR A 177 -20.80 22.98 15.90
C TYR A 177 -20.16 24.20 15.26
N GLU A 178 -20.22 25.32 15.96
CA GLU A 178 -19.74 26.58 15.43
C GLU A 178 -18.81 27.31 16.41
#